data_4I00
#
_entry.id   4I00
#
_cell.length_a   106.334
_cell.length_b   106.334
_cell.length_c   64.750
_cell.angle_alpha   90.00
_cell.angle_beta   90.00
_cell.angle_gamma   90.00
#
_symmetry.space_group_name_H-M   'I 4'
#
loop_
_entity.id
_entity.type
_entity.pdbx_description
1 polymer Neuraminidase
2 branched 2-acetamido-2-deoxy-beta-D-glucopyranose-(1-4)-[alpha-L-fucopyranose-(1-6)]2-acetamido-2-deoxy-beta-D-glucopyranose
3 non-polymer 'CALCIUM ION'
4 non-polymer ZANAMIVIR
5 water water
#
_entity_poly.entity_id   1
_entity_poly.type   'polypeptide(L)'
_entity_poly.pdbx_seq_one_letter_code
;FRPFKSPLPLCPFRGFFPFHKDNAIRLGENKDVIVTREPYVSCDNDNCWSFALAQGALLGTKHSNGTIKDRTPYRSLIRF
PIGTAPVLGNYKEICIAWSSSSCFDGKEWMHVCMTGNDNDASAQIIYGGRMTDSIKSWRKDILRTQESECQCIDGTCVVA
VTDGPAANSADYRVYWIREGKIIKYENVPKTKIQYLEECSCYVDIDVYCICRDNWKGSNRPWMRINNETILETGYVCSKF
HSDTPRPADPSTMSCDSPSNVNGGPGVKGFGFKAGDDVWLGRTVSTSGRSGFEIIKVTEGWINSPNHVKSITQTLVSNND
WSGYSGSFIVKAKDCFQPCFYVELIRGRPNKNDDVSWTSNSIVTFCGLDNEPGSGNWPDGSNIGFMPK
;
_entity_poly.pdbx_strand_id   A
#
loop_
_chem_comp.id
_chem_comp.type
_chem_comp.name
_chem_comp.formula
CA non-polymer 'CALCIUM ION' 'Ca 2'
FUC L-saccharide, alpha linking alpha-L-fucopyranose 'C6 H12 O5'
NAG D-saccharide, beta linking 2-acetamido-2-deoxy-beta-D-glucopyranose 'C8 H15 N O6'
ZMR D-saccharide ZANAMIVIR 'C12 H20 N4 O7'
#
# COMPACT_ATOMS: atom_id res chain seq x y z
N PHE A 1 29.98 5.47 6.30
CA PHE A 1 29.44 4.12 6.49
C PHE A 1 28.09 4.15 7.20
N ARG A 2 27.15 3.36 6.70
CA ARG A 2 25.84 3.22 7.31
C ARG A 2 25.57 1.73 7.47
N PRO A 3 25.04 1.33 8.62
CA PRO A 3 24.73 -0.10 8.79
C PRO A 3 23.42 -0.45 8.11
N PHE A 4 23.24 -1.72 7.79
CA PHE A 4 21.95 -2.21 7.32
C PHE A 4 20.92 -1.99 8.41
N LYS A 5 19.68 -1.72 8.02
CA LYS A 5 18.61 -1.61 8.98
C LYS A 5 18.43 -2.90 9.78
N SER A 6 18.07 -2.74 11.06
CA SER A 6 17.94 -3.83 12.03
C SER A 6 16.50 -4.27 12.25
N PRO A 7 16.30 -5.45 12.85
CA PRO A 7 14.96 -5.94 13.19
C PRO A 7 14.37 -5.30 14.45
N LEU A 8 14.08 -4.00 14.40
CA LEU A 8 13.55 -3.29 15.57
C LEU A 8 12.06 -3.55 15.81
N PRO A 9 11.64 -3.45 17.08
CA PRO A 9 10.22 -3.55 17.41
C PRO A 9 9.48 -2.29 16.98
N LEU A 10 8.18 -2.39 16.79
CA LEU A 10 7.36 -1.22 16.53
C LEU A 10 7.32 -0.37 17.79
N CYS A 11 7.35 0.96 17.62
CA CYS A 11 7.22 1.88 18.77
C CYS A 11 5.82 1.81 19.35
N PRO A 12 5.68 2.12 20.65
CA PRO A 12 4.36 2.24 21.26
C PRO A 12 3.55 3.35 20.60
N PHE A 13 2.24 3.16 20.47
CA PHE A 13 1.38 4.21 19.92
C PHE A 13 -0.06 4.04 20.37
N ARG A 14 -0.77 5.16 20.47
CA ARG A 14 -2.17 5.08 20.83
C ARG A 14 -3.06 5.93 19.94
N GLY A 15 -2.50 6.51 18.88
CA GLY A 15 -3.32 7.20 17.92
C GLY A 15 -2.48 7.71 16.76
N PHE A 16 -3.15 8.18 15.72
CA PHE A 16 -2.47 8.63 14.52
C PHE A 16 -2.69 10.11 14.27
N PHE A 17 -1.66 10.74 13.70
CA PHE A 17 -1.58 12.20 13.62
C PHE A 17 -1.20 12.64 12.20
N PRO A 18 -1.79 13.75 11.72
CA PRO A 18 -1.53 14.24 10.35
C PRO A 18 -0.08 14.66 10.13
N PHE A 19 0.51 14.16 9.06
CA PHE A 19 1.95 14.32 8.80
C PHE A 19 2.17 15.25 7.61
N HIS A 20 2.14 14.66 6.40
CA HIS A 20 2.34 15.39 5.15
C HIS A 20 1.11 15.27 4.27
N LYS A 21 0.79 16.30 3.51
CA LYS A 21 -0.32 16.24 2.56
C LYS A 21 0.05 17.04 1.33
N ASP A 22 -0.11 16.47 0.14
CA ASP A 22 0.40 17.16 -1.06
C ASP A 22 -0.60 18.04 -1.82
N ASN A 23 -1.90 17.82 -1.64
CA ASN A 23 -2.86 18.67 -2.33
C ASN A 23 -2.60 18.69 -3.83
N ALA A 24 -2.18 17.55 -4.36
CA ALA A 24 -1.64 17.50 -5.73
C ALA A 24 -2.68 17.83 -6.79
N ILE A 25 -3.93 17.44 -6.57
CA ILE A 25 -4.95 17.73 -7.58
C ILE A 25 -5.29 19.23 -7.59
N ARG A 26 -5.52 19.81 -6.42
CA ARG A 26 -5.72 21.25 -6.31
C ARG A 26 -4.59 22.02 -7.01
N LEU A 27 -3.36 21.64 -6.71
CA LEU A 27 -2.17 22.28 -7.31
C LEU A 27 -1.98 21.97 -8.80
N GLY A 28 -2.75 21.03 -9.33
CA GLY A 28 -2.61 20.63 -10.71
C GLY A 28 -3.59 21.33 -11.64
N GLU A 29 -4.34 22.28 -11.09
CA GLU A 29 -5.38 22.97 -11.86
C GLU A 29 -4.83 23.60 -13.14
N ASN A 30 -3.58 24.08 -13.10
CA ASN A 30 -2.98 24.72 -14.27
C ASN A 30 -2.07 23.78 -15.09
N LYS A 31 -2.31 22.47 -14.96
CA LYS A 31 -1.65 21.44 -15.77
C LYS A 31 -0.15 21.29 -15.51
N ASP A 32 0.27 21.53 -14.27
CA ASP A 32 1.69 21.36 -13.93
C ASP A 32 2.02 19.95 -13.42
N VAL A 33 1.00 19.26 -12.94
CA VAL A 33 1.20 18.05 -12.14
C VAL A 33 1.10 16.77 -12.95
N ILE A 34 2.00 15.83 -12.68
CA ILE A 34 2.05 14.56 -13.38
C ILE A 34 0.90 13.66 -12.93
N VAL A 35 0.22 13.02 -13.89
CA VAL A 35 -0.86 12.08 -13.55
C VAL A 35 -0.27 10.85 -12.90
N THR A 36 -0.83 10.42 -11.77
CA THR A 36 -0.33 9.27 -11.04
C THR A 36 -1.48 8.37 -10.54
N ARG A 37 -1.11 7.21 -9.99
CA ARG A 37 -1.96 6.46 -9.08
C ARG A 37 -1.06 5.48 -8.35
N GLU A 38 -1.64 4.71 -7.45
CA GLU A 38 -0.90 3.74 -6.64
C GLU A 38 0.31 4.38 -5.97
N PRO A 39 0.10 5.48 -5.23
CA PRO A 39 1.22 6.13 -4.56
C PRO A 39 1.61 5.37 -3.32
N TYR A 40 2.79 5.69 -2.78
CA TYR A 40 3.15 5.20 -1.46
C TYR A 40 4.29 6.06 -0.91
N VAL A 41 4.76 5.71 0.28
CA VAL A 41 5.83 6.46 0.90
C VAL A 41 6.90 5.52 1.40
N SER A 42 8.16 5.92 1.29
CA SER A 42 9.21 5.12 1.87
C SER A 42 10.36 6.07 2.21
N CYS A 43 11.12 5.74 3.25
CA CYS A 43 12.12 6.68 3.75
C CYS A 43 13.51 6.07 3.75
N ASP A 44 14.52 6.92 3.55
CA ASP A 44 15.91 6.48 3.73
C ASP A 44 16.47 7.09 5.02
N ASN A 45 17.79 7.21 5.12
CA ASN A 45 18.38 7.75 6.34
C ASN A 45 18.09 9.24 6.52
N ASP A 46 17.85 9.92 5.41
CA ASP A 46 17.82 11.39 5.43
C ASP A 46 16.48 12.03 5.06
N ASN A 47 15.62 11.28 4.39
CA ASN A 47 14.35 11.83 3.92
C ASN A 47 13.29 10.75 3.76
N CYS A 48 12.04 11.15 3.95
CA CYS A 48 10.94 10.34 3.46
C CYS A 48 10.57 10.85 2.09
N TRP A 49 10.10 9.95 1.24
CA TRP A 49 9.80 10.27 -0.16
C TRP A 49 8.42 9.80 -0.56
N SER A 50 7.77 10.57 -1.44
CA SER A 50 6.60 10.04 -2.14
C SER A 50 7.02 9.24 -3.37
N PHE A 51 6.36 8.10 -3.58
CA PHE A 51 6.49 7.31 -4.81
C PHE A 51 5.12 7.15 -5.43
N ALA A 52 5.06 7.01 -6.75
CA ALA A 52 3.79 6.71 -7.38
C ALA A 52 4.03 6.20 -8.79
N LEU A 53 3.03 5.53 -9.34
CA LEU A 53 3.10 5.10 -10.72
C LEU A 53 2.54 6.22 -11.57
N ALA A 54 3.42 6.90 -12.29
CA ALA A 54 3.02 7.99 -13.17
C ALA A 54 2.35 7.39 -14.41
N GLN A 55 1.69 8.24 -15.19
CA GLN A 55 1.02 7.78 -16.40
C GLN A 55 1.60 8.41 -17.66
N GLY A 56 2.79 9.02 -17.53
CA GLY A 56 3.43 9.59 -18.69
C GLY A 56 2.65 10.73 -19.34
N ALA A 57 1.93 11.48 -18.52
CA ALA A 57 1.13 12.60 -18.99
C ALA A 57 0.93 13.62 -17.88
N LEU A 58 0.70 14.87 -18.27
CA LEU A 58 0.37 15.92 -17.31
C LEU A 58 -1.13 16.00 -17.09
N LEU A 59 -1.54 16.18 -15.84
CA LEU A 59 -2.95 16.25 -15.47
C LEU A 59 -3.64 17.36 -16.23
N GLY A 60 -4.74 17.02 -16.91
CA GLY A 60 -5.54 18.01 -17.62
C GLY A 60 -5.15 18.24 -19.08
N THR A 61 -4.12 17.54 -19.54
CA THR A 61 -3.74 17.57 -20.96
C THR A 61 -4.49 16.47 -21.69
N LYS A 62 -4.45 16.51 -23.02
CA LYS A 62 -5.15 15.50 -23.80
C LYS A 62 -4.64 14.08 -23.54
N HIS A 63 -3.35 13.96 -23.27
CA HIS A 63 -2.77 12.65 -22.97
C HIS A 63 -3.24 12.08 -21.62
N SER A 64 -3.86 12.90 -20.78
CA SER A 64 -4.35 12.41 -19.49
C SER A 64 -5.71 11.74 -19.63
N ASN A 65 -6.37 12.01 -20.75
CA ASN A 65 -7.67 11.40 -21.07
C ASN A 65 -7.56 9.88 -21.12
N GLY A 66 -8.29 9.20 -20.25
CA GLY A 66 -8.33 7.75 -20.28
C GLY A 66 -7.33 7.06 -19.37
N THR A 67 -6.71 7.84 -18.48
CA THR A 67 -5.72 7.29 -17.56
C THR A 67 -6.31 6.43 -16.44
N ILE A 68 -7.62 6.14 -16.49
CA ILE A 68 -8.16 5.10 -15.63
C ILE A 68 -7.47 3.76 -15.91
N LYS A 69 -6.97 3.59 -17.13
CA LYS A 69 -6.31 2.35 -17.57
C LYS A 69 -5.11 1.97 -16.68
N ASP A 70 -5.08 0.72 -16.23
CA ASP A 70 -4.13 0.26 -15.23
C ASP A 70 -2.68 0.08 -15.71
N ARG A 71 -2.52 -0.50 -16.89
CA ARG A 71 -1.20 -0.86 -17.37
C ARG A 71 -0.94 -0.35 -18.78
N THR A 72 0.13 0.43 -18.94
CA THR A 72 0.58 0.93 -20.24
C THR A 72 2.10 0.96 -20.20
N PRO A 73 2.73 1.05 -21.37
CA PRO A 73 4.19 1.14 -21.41
C PRO A 73 4.70 2.51 -20.94
N TYR A 74 3.78 3.46 -20.74
CA TYR A 74 4.11 4.85 -20.47
C TYR A 74 4.02 5.14 -18.98
N ARG A 75 3.83 4.09 -18.19
CA ARG A 75 3.83 4.23 -16.74
C ARG A 75 5.23 3.96 -16.19
N SER A 76 5.67 4.87 -15.31
CA SER A 76 6.94 4.75 -14.61
C SER A 76 6.75 4.94 -13.13
N LEU A 77 7.51 4.21 -12.33
CA LEU A 77 7.62 4.55 -10.93
C LEU A 77 8.40 5.86 -10.83
N ILE A 78 7.80 6.85 -10.19
CA ILE A 78 8.48 8.13 -9.97
C ILE A 78 8.58 8.42 -8.47
N ARG A 79 9.57 9.24 -8.12
CA ARG A 79 9.80 9.66 -6.75
C ARG A 79 9.79 11.19 -6.67
N PHE A 80 9.20 11.73 -5.61
CA PHE A 80 9.19 13.18 -5.48
C PHE A 80 9.18 13.52 -4.00
N PRO A 81 9.56 14.76 -3.63
CA PRO A 81 9.65 15.04 -2.19
C PRO A 81 8.33 14.81 -1.46
N ILE A 82 8.40 14.26 -0.25
CA ILE A 82 7.17 13.88 0.44
C ILE A 82 6.29 15.10 0.66
N GLY A 83 5.01 14.97 0.34
CA GLY A 83 4.07 16.05 0.55
C GLY A 83 4.09 17.11 -0.54
N THR A 84 4.95 16.94 -1.56
CA THR A 84 4.90 17.83 -2.70
C THR A 84 4.11 17.21 -3.86
N ALA A 85 3.56 18.04 -4.73
CA ALA A 85 2.91 17.54 -5.93
C ALA A 85 4.01 17.11 -6.88
N PRO A 86 3.79 16.02 -7.62
CA PRO A 86 4.80 15.57 -8.58
C PRO A 86 4.80 16.44 -9.84
N VAL A 87 5.90 17.15 -10.08
CA VAL A 87 5.98 17.98 -11.27
C VAL A 87 7.27 17.70 -12.01
N LEU A 88 7.36 18.15 -13.27
CA LEU A 88 8.51 17.81 -14.08
C LEU A 88 9.80 18.34 -13.47
N GLY A 89 9.68 19.44 -12.74
CA GLY A 89 10.85 20.06 -12.15
C GLY A 89 11.31 19.45 -10.83
N ASN A 90 10.54 18.54 -10.25
CA ASN A 90 10.96 17.93 -8.98
C ASN A 90 11.03 16.41 -8.97
N TYR A 91 10.52 15.75 -10.00
CA TYR A 91 10.44 14.30 -9.95
C TYR A 91 11.69 13.58 -10.41
N LYS A 92 11.84 12.33 -9.97
CA LYS A 92 12.86 11.44 -10.49
C LYS A 92 12.15 10.22 -11.02
N GLU A 93 12.59 9.70 -12.17
CA GLU A 93 12.01 8.48 -12.72
C GLU A 93 12.86 7.30 -12.27
N ILE A 94 12.25 6.36 -11.55
CA ILE A 94 12.99 5.25 -10.95
C ILE A 94 13.14 4.09 -11.92
N CYS A 95 12.04 3.73 -12.58
CA CYS A 95 12.05 2.65 -13.55
C CYS A 95 10.71 2.61 -14.29
N ILE A 96 10.68 1.91 -15.42
CA ILE A 96 9.43 1.68 -16.13
C ILE A 96 8.65 0.69 -15.30
N ALA A 97 7.41 1.03 -14.96
CA ALA A 97 6.59 0.16 -14.10
C ALA A 97 5.11 0.47 -14.15
N TRP A 98 4.30 -0.60 -14.19
CA TRP A 98 2.87 -0.45 -13.85
C TRP A 98 2.47 -1.20 -12.57
N SER A 99 3.46 -1.74 -11.88
CA SER A 99 3.33 -2.24 -10.52
C SER A 99 4.71 -2.12 -9.89
N SER A 100 4.77 -1.74 -8.62
CA SER A 100 6.08 -1.51 -8.00
C SER A 100 6.13 -1.69 -6.48
N SER A 101 7.35 -1.79 -5.98
CA SER A 101 7.62 -1.70 -4.56
C SER A 101 9.01 -1.08 -4.42
N SER A 102 9.23 -0.35 -3.33
CA SER A 102 10.54 0.24 -3.06
C SER A 102 10.82 0.10 -1.59
N CYS A 103 12.10 -0.06 -1.25
CA CYS A 103 12.51 -0.02 0.15
C CYS A 103 14.00 0.25 0.27
N PHE A 104 14.38 0.87 1.37
CA PHE A 104 15.76 1.26 1.62
C PHE A 104 16.33 0.32 2.67
N ASP A 105 17.51 -0.25 2.40
CA ASP A 105 18.04 -1.30 3.29
C ASP A 105 18.99 -0.78 4.37
N GLY A 106 19.14 0.54 4.44
CA GLY A 106 20.07 1.17 5.37
C GLY A 106 21.23 1.79 4.61
N LYS A 107 21.53 1.24 3.43
CA LYS A 107 22.63 1.71 2.60
C LYS A 107 22.17 2.21 1.24
N GLU A 108 21.29 1.45 0.60
CA GLU A 108 20.85 1.77 -0.76
C GLU A 108 19.37 1.44 -0.93
N TRP A 109 18.78 2.03 -1.97
CA TRP A 109 17.40 1.76 -2.35
C TRP A 109 17.30 0.55 -3.25
N MET A 110 16.27 -0.27 -2.98
CA MET A 110 15.88 -1.33 -3.90
C MET A 110 14.50 -1.01 -4.44
N HIS A 111 14.29 -1.30 -5.71
CA HIS A 111 12.98 -1.18 -6.32
C HIS A 111 12.65 -2.44 -7.09
N VAL A 112 11.36 -2.75 -7.15
CA VAL A 112 10.84 -3.86 -7.94
C VAL A 112 9.85 -3.26 -8.93
N CYS A 113 10.08 -3.46 -10.22
CA CYS A 113 9.35 -2.74 -11.28
C CYS A 113 8.77 -3.70 -12.32
N MET A 114 7.44 -3.86 -12.36
CA MET A 114 6.86 -4.75 -13.39
C MET A 114 6.41 -3.95 -14.61
N THR A 115 6.74 -4.44 -15.80
CA THR A 115 6.21 -3.84 -17.01
C THR A 115 6.19 -4.88 -18.16
N GLY A 116 5.61 -4.47 -19.28
CA GLY A 116 5.48 -5.34 -20.43
C GLY A 116 4.07 -5.87 -20.60
N ASN A 117 3.93 -6.83 -21.51
CA ASN A 117 2.65 -7.47 -21.78
C ASN A 117 2.04 -8.18 -20.58
N ASP A 118 0.72 -8.13 -20.47
CA ASP A 118 0.03 -8.85 -19.41
C ASP A 118 0.44 -10.32 -19.31
N ASN A 119 0.64 -10.98 -20.46
CA ASN A 119 0.95 -12.41 -20.45
C ASN A 119 2.44 -12.73 -20.47
N ASP A 120 3.29 -11.71 -20.34
CA ASP A 120 4.73 -11.94 -20.40
C ASP A 120 5.49 -10.79 -19.75
N ALA A 121 5.01 -10.38 -18.58
CA ALA A 121 5.63 -9.26 -17.88
C ALA A 121 6.89 -9.73 -17.18
N SER A 122 7.77 -8.79 -16.85
CA SER A 122 8.93 -9.12 -16.03
C SER A 122 9.09 -8.03 -14.98
N ALA A 123 9.62 -8.42 -13.83
CA ALA A 123 9.93 -7.48 -12.77
C ALA A 123 11.43 -7.22 -12.80
N GLN A 124 11.80 -5.94 -12.89
CA GLN A 124 13.21 -5.55 -12.86
C GLN A 124 13.54 -5.17 -11.42
N ILE A 125 14.64 -5.74 -10.90
CA ILE A 125 15.14 -5.38 -9.59
C ILE A 125 16.22 -4.32 -9.75
N ILE A 126 16.01 -3.16 -9.14
CA ILE A 126 16.98 -2.08 -9.15
C ILE A 126 17.59 -1.96 -7.76
N TYR A 127 18.91 -1.84 -7.69
CA TYR A 127 19.60 -1.66 -6.42
C TYR A 127 20.71 -0.63 -6.56
N GLY A 128 20.61 0.45 -5.80
CA GLY A 128 21.59 1.53 -5.92
C GLY A 128 21.62 2.10 -7.33
N GLY A 129 20.47 2.07 -8.00
CA GLY A 129 20.33 2.66 -9.31
C GLY A 129 20.66 1.73 -10.46
N ARG A 130 21.22 0.56 -10.15
CA ARG A 130 21.60 -0.40 -11.18
C ARG A 130 20.58 -1.52 -11.28
N MET A 131 20.22 -1.91 -12.49
CA MET A 131 19.39 -3.11 -12.64
C MET A 131 20.22 -4.35 -12.34
N THR A 132 19.87 -5.06 -11.26
CA THR A 132 20.68 -6.16 -10.74
C THR A 132 20.08 -7.55 -10.92
N ASP A 133 18.77 -7.65 -11.14
CA ASP A 133 18.14 -8.96 -11.27
C ASP A 133 16.74 -8.79 -11.85
N SER A 134 16.02 -9.88 -12.03
CA SER A 134 14.68 -9.79 -12.59
C SER A 134 13.87 -11.03 -12.26
N ILE A 135 12.56 -10.89 -12.37
CA ILE A 135 11.65 -12.04 -12.20
C ILE A 135 10.81 -12.12 -13.46
N LYS A 136 10.74 -13.30 -14.06
CA LYS A 136 9.94 -13.49 -15.26
C LYS A 136 8.59 -14.04 -14.87
N SER A 137 7.53 -13.53 -15.48
CA SER A 137 6.18 -14.01 -15.17
C SER A 137 6.14 -15.52 -15.39
N TRP A 138 5.63 -16.25 -14.40
CA TRP A 138 5.61 -17.72 -14.49
C TRP A 138 4.20 -18.27 -14.66
N ARG A 139 3.20 -17.50 -14.25
CA ARG A 139 1.80 -17.86 -14.51
C ARG A 139 1.28 -17.07 -15.70
N LYS A 140 2.11 -16.17 -16.22
CA LYS A 140 1.74 -15.39 -17.39
C LYS A 140 0.41 -14.65 -17.24
N ASP A 141 0.17 -14.08 -16.07
CA ASP A 141 -1.08 -13.34 -15.85
C ASP A 141 -0.88 -12.18 -14.90
N ILE A 142 -0.35 -11.09 -15.43
CA ILE A 142 -0.17 -9.83 -14.70
C ILE A 142 0.68 -9.97 -13.44
N LEU A 143 1.92 -10.39 -13.63
CA LEU A 143 2.87 -10.41 -12.52
C LEU A 143 2.85 -9.03 -11.85
N ARG A 144 2.74 -9.01 -10.53
CA ARG A 144 2.46 -7.76 -9.82
C ARG A 144 2.92 -7.82 -8.38
N THR A 145 3.01 -6.65 -7.75
CA THR A 145 3.56 -6.59 -6.42
C THR A 145 2.82 -5.58 -5.51
N GLN A 146 3.50 -5.12 -4.45
CA GLN A 146 2.83 -4.48 -3.32
C GLN A 146 2.14 -3.13 -3.55
N GLU A 147 2.76 -2.27 -4.35
CA GLU A 147 2.35 -0.87 -4.49
C GLU A 147 2.50 -0.12 -3.17
N SER A 148 3.38 -0.61 -2.32
CA SER A 148 3.86 0.16 -1.17
C SER A 148 5.24 -0.37 -0.78
N GLU A 149 5.81 0.17 0.28
CA GLU A 149 7.21 -0.13 0.57
C GLU A 149 7.42 -1.57 0.99
N CYS A 150 8.50 -2.16 0.49
CA CYS A 150 8.95 -3.44 0.99
C CYS A 150 9.72 -3.21 2.29
N GLN A 151 10.32 -4.27 2.83
CA GLN A 151 11.01 -4.15 4.12
C GLN A 151 12.33 -4.91 4.06
N CYS A 152 13.34 -4.40 4.75
CA CYS A 152 14.68 -4.97 4.71
C CYS A 152 15.21 -5.16 6.12
N ILE A 153 15.76 -6.35 6.38
CA ILE A 153 16.31 -6.67 7.69
C ILE A 153 17.71 -7.24 7.58
N ASP A 154 18.65 -6.58 8.24
CA ASP A 154 20.08 -6.94 8.17
C ASP A 154 20.60 -7.14 6.74
N GLY A 155 20.08 -6.33 5.82
CA GLY A 155 20.53 -6.34 4.44
C GLY A 155 19.73 -7.20 3.47
N THR A 156 18.81 -8.01 4.01
CA THR A 156 17.93 -8.81 3.17
C THR A 156 16.54 -8.22 3.10
N CYS A 157 16.11 -7.89 1.89
CA CYS A 157 14.79 -7.29 1.69
C CYS A 157 13.80 -8.35 1.29
N VAL A 158 12.56 -8.13 1.72
CA VAL A 158 11.46 -9.06 1.53
C VAL A 158 10.36 -8.36 0.76
N VAL A 159 9.82 -9.02 -0.25
CA VAL A 159 8.75 -8.44 -1.07
C VAL A 159 7.78 -9.51 -1.56
N ALA A 160 6.48 -9.20 -1.48
CA ALA A 160 5.41 -10.12 -1.88
C ALA A 160 5.03 -9.86 -3.32
N VAL A 161 4.80 -10.94 -4.06
CA VAL A 161 4.57 -10.88 -5.49
C VAL A 161 3.48 -11.88 -5.86
N THR A 162 2.62 -11.51 -6.80
CA THR A 162 1.53 -12.37 -7.25
C THR A 162 1.51 -12.50 -8.77
N ASP A 163 1.18 -13.70 -9.25
CA ASP A 163 1.02 -13.92 -10.67
C ASP A 163 -0.18 -14.85 -10.81
N GLY A 164 -1.12 -14.48 -11.67
CA GLY A 164 -2.31 -15.29 -11.84
C GLY A 164 -3.58 -14.47 -11.83
N PRO A 165 -4.72 -15.14 -12.03
CA PRO A 165 -5.99 -14.41 -12.17
C PRO A 165 -6.44 -13.69 -10.90
N ALA A 166 -7.33 -12.74 -11.08
CA ALA A 166 -8.07 -12.15 -9.97
C ALA A 166 -9.35 -12.98 -9.76
N ALA A 167 -9.82 -13.05 -8.51
CA ALA A 167 -11.06 -13.77 -8.16
C ALA A 167 -11.03 -15.24 -8.60
N ASN A 168 -9.84 -15.82 -8.54
CA ASN A 168 -9.65 -17.25 -8.70
C ASN A 168 -8.29 -17.58 -8.11
N SER A 169 -7.93 -18.85 -8.11
CA SER A 169 -6.67 -19.28 -7.51
C SER A 169 -5.49 -18.74 -8.32
N ALA A 170 -4.56 -18.09 -7.63
CA ALA A 170 -3.35 -17.56 -8.28
C ALA A 170 -2.11 -18.01 -7.51
N ASP A 171 -0.93 -17.61 -7.97
CA ASP A 171 0.28 -17.91 -7.23
C ASP A 171 0.74 -16.68 -6.43
N TYR A 172 1.10 -16.91 -5.18
CA TYR A 172 1.58 -15.85 -4.31
C TYR A 172 2.96 -16.26 -3.79
N ARG A 173 3.93 -15.35 -3.87
CA ARG A 173 5.27 -15.66 -3.40
C ARG A 173 5.85 -14.54 -2.58
N VAL A 174 6.79 -14.89 -1.73
CA VAL A 174 7.70 -13.90 -1.15
C VAL A 174 9.09 -14.10 -1.74
N TYR A 175 9.75 -12.99 -2.08
CA TYR A 175 11.11 -13.03 -2.58
C TYR A 175 12.03 -12.37 -1.56
N TRP A 176 13.18 -12.99 -1.37
CA TRP A 176 14.23 -12.45 -0.52
C TRP A 176 15.33 -11.94 -1.43
N ILE A 177 15.69 -10.68 -1.29
CA ILE A 177 16.63 -10.06 -2.20
C ILE A 177 17.69 -9.32 -1.39
N ARG A 178 18.95 -9.58 -1.72
CA ARG A 178 20.06 -8.99 -0.98
C ARG A 178 20.95 -8.24 -1.96
N GLU A 179 21.14 -6.95 -1.68
CA GLU A 179 21.94 -6.10 -2.56
C GLU A 179 21.50 -6.25 -4.00
N GLY A 180 20.20 -6.42 -4.19
CA GLY A 180 19.63 -6.45 -5.53
C GLY A 180 19.63 -7.84 -6.17
N LYS A 181 20.21 -8.82 -5.47
CA LYS A 181 20.25 -10.19 -6.01
C LYS A 181 19.25 -11.09 -5.33
N ILE A 182 18.41 -11.73 -6.12
CA ILE A 182 17.41 -12.66 -5.59
C ILE A 182 18.11 -13.86 -4.98
N ILE A 183 17.85 -14.07 -3.68
CA ILE A 183 18.46 -15.16 -2.93
C ILE A 183 17.58 -16.41 -3.04
N LYS A 184 16.27 -16.23 -2.83
CA LYS A 184 15.32 -17.33 -2.87
C LYS A 184 13.91 -16.78 -2.93
N TYR A 185 12.95 -17.66 -3.22
CA TYR A 185 11.55 -17.31 -3.02
C TYR A 185 10.84 -18.46 -2.34
N GLU A 186 9.65 -18.17 -1.81
CA GLU A 186 8.76 -19.19 -1.27
C GLU A 186 7.35 -18.97 -1.79
N ASN A 187 6.69 -20.07 -2.18
CA ASN A 187 5.27 -20.02 -2.44
C ASN A 187 4.54 -19.90 -1.11
N VAL A 188 3.68 -18.90 -0.99
CA VAL A 188 2.95 -18.72 0.26
C VAL A 188 2.07 -19.93 0.51
N PRO A 189 2.15 -20.50 1.72
CA PRO A 189 1.29 -21.62 2.11
C PRO A 189 -0.19 -21.29 1.89
N LYS A 190 -0.97 -22.27 1.46
CA LYS A 190 -2.39 -22.03 1.21
C LYS A 190 -3.27 -22.73 2.23
N THR A 191 -2.68 -23.12 3.35
CA THR A 191 -3.41 -23.73 4.46
C THR A 191 -4.46 -22.79 5.04
N LYS A 192 -4.17 -21.48 5.00
CA LYS A 192 -5.12 -20.49 5.49
C LYS A 192 -5.45 -19.47 4.42
N ILE A 193 -4.41 -18.81 3.91
CA ILE A 193 -4.60 -17.82 2.87
C ILE A 193 -5.04 -18.43 1.56
N GLN A 194 -6.11 -17.88 0.99
CA GLN A 194 -6.63 -18.36 -0.28
C GLN A 194 -6.33 -17.38 -1.41
N TYR A 195 -6.07 -16.12 -1.06
CA TYR A 195 -5.68 -15.13 -2.06
C TYR A 195 -4.91 -14.00 -1.41
N LEU A 196 -3.84 -13.54 -2.06
CA LEU A 196 -3.02 -12.46 -1.53
C LEU A 196 -2.46 -11.61 -2.64
N GLU A 197 -2.57 -10.32 -2.48
CA GLU A 197 -1.92 -9.39 -3.37
C GLU A 197 -1.75 -8.04 -2.68
N GLU A 198 -1.04 -7.13 -3.33
CA GLU A 198 -0.88 -5.77 -2.79
C GLU A 198 -0.59 -5.68 -1.29
N CYS A 199 0.42 -6.40 -0.84
CA CYS A 199 0.72 -6.42 0.60
C CYS A 199 1.22 -5.08 1.10
N SER A 200 0.69 -4.66 2.24
CA SER A 200 1.22 -3.54 2.99
C SER A 200 1.98 -4.07 4.19
N CYS A 201 3.28 -3.78 4.22
CA CYS A 201 4.16 -4.40 5.19
C CYS A 201 4.86 -3.39 6.10
N TYR A 202 5.31 -3.86 7.25
CA TYR A 202 6.07 -3.05 8.18
C TYR A 202 6.95 -3.98 8.99
N VAL A 203 7.76 -3.44 9.87
CA VAL A 203 8.64 -4.26 10.70
C VAL A 203 8.33 -4.10 12.19
N ASP A 204 8.21 -5.23 12.86
CA ASP A 204 8.04 -5.29 14.30
C ASP A 204 8.82 -6.53 14.73
N ILE A 205 10.13 -6.37 14.82
CA ILE A 205 11.07 -7.48 14.89
C ILE A 205 11.10 -8.22 13.56
N ASP A 206 10.01 -8.91 13.26
CA ASP A 206 9.85 -9.57 11.97
C ASP A 206 9.04 -8.67 11.05
N VAL A 207 9.00 -9.02 9.76
CA VAL A 207 8.16 -8.32 8.81
C VAL A 207 6.73 -8.82 8.93
N TYR A 208 5.79 -7.89 9.10
CA TYR A 208 4.38 -8.22 8.98
C TYR A 208 3.80 -7.61 7.72
N CYS A 209 3.02 -8.41 6.99
CA CYS A 209 2.34 -7.94 5.80
C CYS A 209 0.86 -8.18 5.96
N ILE A 210 0.08 -7.14 5.70
CA ILE A 210 -1.37 -7.28 5.67
C ILE A 210 -1.81 -6.93 4.26
N CYS A 211 -2.58 -7.81 3.63
CA CYS A 211 -2.74 -7.71 2.19
C CYS A 211 -4.20 -7.68 1.73
N ARG A 212 -4.39 -7.93 0.45
CA ARG A 212 -5.69 -7.86 -0.19
C ARG A 212 -6.08 -9.22 -0.80
N ASP A 213 -7.17 -9.80 -0.31
CA ASP A 213 -7.76 -10.99 -0.91
C ASP A 213 -8.85 -10.44 -1.83
N ASN A 214 -8.74 -10.65 -3.13
CA ASN A 214 -9.72 -10.09 -4.05
C ASN A 214 -10.76 -11.12 -4.48
N TRP A 215 -10.79 -12.23 -3.76
CA TRP A 215 -11.61 -13.38 -4.14
C TRP A 215 -12.73 -13.67 -3.14
N LYS A 216 -12.41 -14.36 -2.04
CA LYS A 216 -13.45 -14.76 -1.09
C LYS A 216 -13.38 -14.05 0.27
N GLY A 217 -12.37 -13.21 0.48
CA GLY A 217 -12.16 -12.66 1.80
C GLY A 217 -12.43 -11.17 1.95
N SER A 218 -13.38 -10.81 2.79
CA SER A 218 -13.60 -9.42 3.16
C SER A 218 -12.68 -9.07 4.33
N ASN A 219 -12.18 -10.09 5.01
CA ASN A 219 -11.10 -9.93 5.97
C ASN A 219 -9.75 -9.94 5.22
N ARG A 220 -8.73 -9.35 5.81
CA ARG A 220 -7.44 -9.26 5.14
C ARG A 220 -6.48 -10.40 5.50
N PRO A 221 -5.85 -11.00 4.47
CA PRO A 221 -4.82 -12.02 4.67
C PRO A 221 -3.55 -11.38 5.21
N TRP A 222 -2.76 -12.13 5.97
CA TRP A 222 -1.50 -11.58 6.49
C TRP A 222 -0.40 -12.62 6.59
N MET A 223 0.84 -12.13 6.64
CA MET A 223 2.00 -12.99 6.84
C MET A 223 2.98 -12.36 7.81
N ARG A 224 3.72 -13.21 8.50
CA ARG A 224 4.84 -12.80 9.32
C ARG A 224 6.08 -13.45 8.70
N ILE A 225 7.08 -12.64 8.39
CA ILE A 225 8.23 -13.10 7.61
C ILE A 225 9.52 -12.63 8.27
N ASN A 226 10.56 -13.46 8.27
CA ASN A 226 11.88 -12.95 8.64
C ASN A 226 12.85 -12.94 7.46
N ASN A 227 14.14 -12.78 7.74
CA ASN A 227 15.15 -12.70 6.68
C ASN A 227 15.42 -14.01 5.95
N GLU A 228 14.71 -15.06 6.35
CA GLU A 228 14.94 -16.40 5.79
C GLU A 228 13.67 -17.07 5.26
N THR A 229 12.55 -16.86 5.92
CA THR A 229 11.37 -17.65 5.59
C THR A 229 10.06 -17.01 6.04
N ILE A 230 8.95 -17.49 5.49
CA ILE A 230 7.64 -17.15 6.03
C ILE A 230 7.40 -17.91 7.33
N LEU A 231 7.09 -17.19 8.41
CA LEU A 231 6.96 -17.77 9.74
C LEU A 231 5.52 -18.14 10.11
N GLU A 232 4.57 -17.28 9.75
CA GLU A 232 3.15 -17.51 10.02
C GLU A 232 2.31 -16.89 8.92
N THR A 233 1.09 -17.41 8.78
CA THR A 233 0.10 -16.83 7.88
C THR A 233 -1.28 -16.87 8.51
N GLY A 234 -2.20 -16.09 7.97
CA GLY A 234 -3.56 -16.11 8.46
C GLY A 234 -4.44 -15.08 7.79
N TYR A 235 -5.63 -14.90 8.35
CA TYR A 235 -6.44 -13.73 8.07
C TYR A 235 -6.60 -12.98 9.39
N VAL A 236 -6.78 -11.67 9.31
CA VAL A 236 -6.96 -10.89 10.54
C VAL A 236 -8.21 -11.34 11.26
N CYS A 237 -8.05 -11.73 12.52
CA CYS A 237 -9.15 -12.35 13.28
C CYS A 237 -10.33 -11.39 13.47
N SER A 238 -10.01 -10.10 13.58
CA SER A 238 -11.01 -9.09 13.89
C SER A 238 -12.35 -9.33 13.23
N LYS A 239 -13.41 -9.45 14.05
CA LYS A 239 -14.75 -9.60 13.49
C LYS A 239 -15.20 -8.33 12.80
N PHE A 240 -14.41 -7.26 12.93
CA PHE A 240 -14.69 -6.06 12.16
C PHE A 240 -13.74 -6.10 10.98
N HIS A 241 -14.29 -6.25 9.77
CA HIS A 241 -13.47 -6.51 8.58
C HIS A 241 -12.95 -5.18 8.05
N SER A 242 -11.92 -5.24 7.22
CA SER A 242 -11.32 -3.98 6.77
C SER A 242 -11.01 -3.88 5.27
N ASP A 243 -11.45 -4.84 4.48
CA ASP A 243 -11.38 -4.70 3.04
C ASP A 243 -12.59 -3.93 2.55
N THR A 244 -12.64 -3.64 1.25
CA THR A 244 -13.76 -2.96 0.63
C THR A 244 -14.05 -3.61 -0.73
N PRO A 245 -15.26 -4.17 -0.91
CA PRO A 245 -16.43 -4.17 -0.01
C PRO A 245 -16.26 -5.09 1.18
N ARG A 246 -17.21 -5.05 2.10
CA ARG A 246 -17.16 -5.91 3.28
C ARG A 246 -18.53 -5.86 3.94
N PRO A 247 -18.80 -6.82 4.83
CA PRO A 247 -20.04 -6.77 5.62
C PRO A 247 -20.02 -5.65 6.67
N ALA A 248 -21.21 -5.22 7.07
CA ALA A 248 -21.33 -4.26 8.16
C ALA A 248 -20.77 -4.86 9.46
N ASP A 249 -20.33 -4.00 10.38
CA ASP A 249 -19.87 -4.49 11.68
C ASP A 249 -21.10 -4.92 12.47
N PRO A 250 -21.00 -5.99 13.27
CA PRO A 250 -19.84 -6.87 13.41
C PRO A 250 -20.05 -8.01 12.42
N SER A 251 -18.96 -8.62 11.98
CA SER A 251 -19.07 -9.73 11.04
C SER A 251 -18.45 -10.95 11.69
N THR A 252 -17.91 -11.85 10.87
CA THR A 252 -17.35 -13.08 11.39
C THR A 252 -15.91 -12.93 11.85
N MET A 253 -15.57 -13.66 12.92
CA MET A 253 -14.20 -13.81 13.33
C MET A 253 -13.62 -14.99 12.57
N SER A 254 -12.73 -14.69 11.62
CA SER A 254 -12.13 -15.72 10.78
C SER A 254 -10.62 -15.58 10.80
N CYS A 255 -9.98 -16.24 11.76
CA CYS A 255 -8.53 -16.18 11.88
C CYS A 255 -7.80 -17.01 10.84
N ASP A 256 -8.48 -18.00 10.26
CA ASP A 256 -7.78 -19.03 9.51
C ASP A 256 -8.29 -19.24 8.09
N SER A 257 -9.23 -18.42 7.65
CA SER A 257 -9.85 -18.58 6.34
C SER A 257 -10.49 -17.29 5.87
N PRO A 258 -10.71 -17.17 4.56
CA PRO A 258 -11.44 -15.99 4.07
C PRO A 258 -12.86 -15.98 4.67
N SER A 259 -13.42 -14.80 4.80
CA SER A 259 -14.76 -14.68 5.39
C SER A 259 -15.81 -15.38 4.53
N ASN A 260 -15.48 -15.60 3.26
CA ASN A 260 -16.40 -16.18 2.30
C ASN A 260 -17.63 -15.30 2.03
N VAL A 261 -17.47 -14.00 2.23
CA VAL A 261 -18.52 -13.04 1.90
C VAL A 261 -17.90 -11.70 1.49
N ASN A 262 -18.56 -11.00 0.56
CA ASN A 262 -18.08 -9.73 0.02
C ASN A 262 -16.59 -9.72 -0.31
N GLY A 263 -16.13 -10.76 -0.99
CA GLY A 263 -14.72 -10.96 -1.23
C GLY A 263 -14.07 -10.11 -2.31
N GLY A 264 -14.84 -9.63 -3.28
CA GLY A 264 -14.26 -8.92 -4.40
C GLY A 264 -14.89 -7.57 -4.67
N PRO A 265 -14.15 -6.67 -5.34
CA PRO A 265 -12.78 -6.86 -5.83
C PRO A 265 -11.71 -6.48 -4.82
N GLY A 266 -12.10 -5.81 -3.73
CA GLY A 266 -11.16 -5.44 -2.69
C GLY A 266 -10.40 -4.16 -3.00
N VAL A 267 -9.59 -3.73 -2.04
CA VAL A 267 -8.76 -2.54 -2.21
C VAL A 267 -7.48 -2.75 -1.39
N LYS A 268 -6.36 -2.20 -1.82
CA LYS A 268 -5.16 -2.28 -0.99
C LYS A 268 -5.36 -1.54 0.33
N GLY A 269 -4.96 -2.17 1.43
CA GLY A 269 -5.07 -1.56 2.75
C GLY A 269 -3.99 -2.08 3.66
N PHE A 270 -4.10 -1.76 4.94
CA PHE A 270 -3.02 -2.04 5.87
C PHE A 270 -3.58 -2.20 7.27
N GLY A 271 -2.72 -2.68 8.17
CA GLY A 271 -3.05 -2.68 9.58
C GLY A 271 -1.77 -2.77 10.39
N PHE A 272 -1.90 -2.65 11.71
CA PHE A 272 -0.77 -2.84 12.60
C PHE A 272 -1.17 -3.71 13.80
N LYS A 273 -0.52 -4.85 13.95
CA LYS A 273 -0.69 -5.68 15.12
C LYS A 273 -0.13 -4.91 16.31
N ALA A 274 -0.84 -4.95 17.43
CA ALA A 274 -0.37 -4.31 18.66
C ALA A 274 -0.70 -5.18 19.86
N GLY A 275 0.28 -5.94 20.33
CA GLY A 275 0.00 -6.93 21.36
C GLY A 275 -0.96 -7.94 20.78
N ASP A 276 -2.07 -8.18 21.49
CA ASP A 276 -3.12 -9.05 20.96
C ASP A 276 -4.12 -8.24 20.14
N ASP A 277 -3.95 -6.93 20.13
CA ASP A 277 -4.90 -6.05 19.43
C ASP A 277 -4.45 -5.80 17.99
N VAL A 278 -5.31 -5.17 17.22
CA VAL A 278 -4.93 -4.78 15.85
C VAL A 278 -5.52 -3.44 15.45
N TRP A 279 -4.71 -2.60 14.83
CA TRP A 279 -5.22 -1.41 14.18
C TRP A 279 -5.50 -1.69 12.71
N LEU A 280 -6.64 -1.25 12.22
CA LEU A 280 -6.98 -1.52 10.82
C LEU A 280 -7.44 -0.27 10.11
N GLY A 281 -6.82 0.04 8.98
CA GLY A 281 -7.30 1.11 8.14
C GLY A 281 -8.47 0.58 7.32
N ARG A 282 -9.39 1.46 6.96
CA ARG A 282 -10.44 1.06 6.02
C ARG A 282 -11.20 2.27 5.51
N THR A 283 -11.80 2.15 4.33
CA THR A 283 -12.72 3.13 3.82
C THR A 283 -13.89 3.24 4.78
N VAL A 284 -14.51 4.40 4.85
CA VAL A 284 -15.68 4.54 5.71
C VAL A 284 -16.84 3.72 5.12
N SER A 285 -17.05 3.87 3.83
CA SER A 285 -18.05 3.09 3.12
C SER A 285 -17.69 1.61 3.13
N THR A 286 -18.71 0.76 3.26
CA THR A 286 -18.51 -0.69 3.22
C THR A 286 -18.59 -1.20 1.80
N SER A 287 -18.97 -0.32 0.87
CA SER A 287 -19.14 -0.72 -0.51
C SER A 287 -18.18 -0.01 -1.47
N GLY A 288 -17.88 1.25 -1.19
CA GLY A 288 -17.10 2.05 -2.12
C GLY A 288 -15.81 2.61 -1.56
N ARG A 289 -15.02 3.21 -2.44
CA ARG A 289 -13.75 3.82 -2.04
C ARG A 289 -13.95 5.27 -1.66
N SER A 290 -14.72 5.48 -0.59
CA SER A 290 -14.95 6.80 -0.03
C SER A 290 -14.71 6.78 1.47
N GLY A 291 -14.15 7.89 1.95
CA GLY A 291 -13.83 8.07 3.35
C GLY A 291 -12.63 7.25 3.74
N PHE A 292 -12.03 7.60 4.87
CA PHE A 292 -11.00 6.77 5.46
C PHE A 292 -11.02 6.91 6.97
N GLU A 293 -10.99 5.77 7.66
CA GLU A 293 -10.94 5.75 9.09
C GLU A 293 -9.92 4.70 9.48
N ILE A 294 -9.43 4.80 10.71
CA ILE A 294 -8.64 3.72 11.28
C ILE A 294 -9.18 3.29 12.65
N ILE A 295 -9.34 1.98 12.84
CA ILE A 295 -9.92 1.47 14.07
C ILE A 295 -8.91 0.67 14.87
N LYS A 296 -9.06 0.68 16.20
CA LYS A 296 -8.30 -0.26 17.00
C LYS A 296 -9.29 -1.27 17.56
N VAL A 297 -9.01 -2.55 17.35
CA VAL A 297 -9.88 -3.61 17.82
C VAL A 297 -9.20 -4.35 18.95
N THR A 298 -9.82 -4.31 20.13
CA THR A 298 -9.26 -5.00 21.28
C THR A 298 -9.24 -6.50 21.01
N GLU A 299 -8.10 -7.13 21.24
CA GLU A 299 -7.90 -8.54 20.95
C GLU A 299 -8.19 -8.93 19.49
N GLY A 300 -8.18 -7.95 18.59
CA GLY A 300 -8.49 -8.19 17.19
C GLY A 300 -7.46 -9.01 16.42
N TRP A 301 -6.30 -9.25 17.02
CA TRP A 301 -5.31 -10.07 16.35
C TRP A 301 -5.49 -11.56 16.66
N ILE A 302 -6.26 -11.85 17.70
CA ILE A 302 -6.36 -13.23 18.16
C ILE A 302 -7.78 -13.78 18.11
N ASN A 303 -7.87 -15.09 18.27
CA ASN A 303 -9.15 -15.74 18.41
C ASN A 303 -9.71 -15.41 19.79
N SER A 304 -10.80 -14.66 19.82
CA SER A 304 -11.33 -14.16 21.09
C SER A 304 -12.79 -13.75 20.94
N PRO A 305 -13.57 -13.87 22.04
CA PRO A 305 -14.94 -13.39 22.01
C PRO A 305 -15.02 -11.91 22.37
N ASN A 306 -13.87 -11.29 22.63
CA ASN A 306 -13.83 -9.94 23.22
C ASN A 306 -13.49 -8.81 22.25
N HIS A 307 -13.56 -9.06 20.95
CA HIS A 307 -13.28 -8.01 19.98
C HIS A 307 -14.22 -6.84 20.16
N VAL A 308 -13.66 -5.64 20.27
CA VAL A 308 -14.45 -4.42 20.33
C VAL A 308 -13.61 -3.29 19.73
N LYS A 309 -14.28 -2.39 19.02
CA LYS A 309 -13.63 -1.19 18.46
C LYS A 309 -13.39 -0.15 19.55
N SER A 310 -12.22 -0.18 20.17
CA SER A 310 -11.91 0.72 21.27
C SER A 310 -11.69 2.15 20.79
N ILE A 311 -11.18 2.28 19.56
CA ILE A 311 -10.89 3.58 18.98
C ILE A 311 -11.31 3.61 17.53
N THR A 312 -11.91 4.72 17.12
CA THR A 312 -12.14 4.99 15.72
C THR A 312 -11.70 6.42 15.41
N GLN A 313 -10.69 6.58 14.56
CA GLN A 313 -10.33 7.90 14.06
C GLN A 313 -10.86 8.05 12.64
N THR A 314 -11.66 9.07 12.42
CA THR A 314 -12.18 9.36 11.09
C THR A 314 -11.33 10.47 10.45
N LEU A 315 -10.55 10.09 9.45
CA LEU A 315 -9.53 11.00 8.89
C LEU A 315 -9.95 11.63 7.57
N VAL A 316 -10.79 10.94 6.83
CA VAL A 316 -11.34 11.44 5.59
C VAL A 316 -12.83 11.12 5.62
N SER A 317 -13.68 12.14 5.49
CA SER A 317 -15.12 11.91 5.63
C SER A 317 -15.63 11.05 4.49
N ASN A 318 -16.78 10.42 4.71
CA ASN A 318 -17.39 9.58 3.70
C ASN A 318 -17.91 10.38 2.51
N ASN A 319 -17.94 11.70 2.63
CA ASN A 319 -18.31 12.54 1.49
C ASN A 319 -17.12 12.82 0.58
N ASP A 320 -15.96 12.30 0.96
CA ASP A 320 -14.74 12.52 0.20
C ASP A 320 -14.20 11.20 -0.35
N TRP A 321 -13.54 11.25 -1.52
CA TRP A 321 -13.01 10.04 -2.14
C TRP A 321 -11.70 9.60 -1.48
N SER A 322 -11.53 8.30 -1.26
CA SER A 322 -10.23 7.79 -0.81
C SER A 322 -9.63 6.88 -1.89
N GLY A 323 -9.19 5.69 -1.51
CA GLY A 323 -8.51 4.79 -2.43
C GLY A 323 -7.58 3.86 -1.68
N TYR A 324 -6.44 3.54 -2.30
CA TYR A 324 -5.46 2.67 -1.68
C TYR A 324 -4.91 3.26 -0.39
N SER A 325 -4.43 2.42 0.50
CA SER A 325 -3.70 2.90 1.67
C SER A 325 -2.64 1.85 1.99
N GLY A 326 -1.55 2.29 2.61
CA GLY A 326 -0.46 1.38 2.89
C GLY A 326 0.39 1.83 4.04
N SER A 327 1.11 0.89 4.64
CA SER A 327 1.99 1.19 5.76
C SER A 327 3.38 1.61 5.30
N PHE A 328 4.02 2.47 6.08
CA PHE A 328 5.47 2.66 6.02
C PHE A 328 6.02 2.89 7.43
N ILE A 329 7.31 2.72 7.61
CA ILE A 329 7.91 2.92 8.93
C ILE A 329 8.95 4.03 8.89
N VAL A 330 9.18 4.64 10.05
CA VAL A 330 10.26 5.60 10.20
C VAL A 330 11.09 5.21 11.41
N LYS A 331 12.41 5.11 11.26
CA LYS A 331 13.22 4.69 12.40
C LYS A 331 13.22 5.76 13.50
N ALA A 332 12.91 5.35 14.70
CA ALA A 332 12.96 6.22 15.79
C ALA A 332 14.25 5.84 16.50
N LYS A 333 14.35 5.60 17.76
CA LYS A 333 15.75 5.39 18.08
C LYS A 333 16.10 3.92 18.00
N ASP A 334 15.40 3.24 18.82
CA ASP A 334 15.45 1.79 18.95
C ASP A 334 14.11 1.13 18.66
N CYS A 335 13.25 1.82 17.92
CA CYS A 335 11.99 1.23 17.46
C CYS A 335 11.59 1.87 16.13
N PHE A 336 10.67 1.22 15.42
CA PHE A 336 10.14 1.77 14.18
C PHE A 336 8.77 2.37 14.43
N GLN A 337 8.56 3.59 13.96
CA GLN A 337 7.27 4.24 14.13
C GLN A 337 6.34 3.84 13.00
N PRO A 338 5.11 3.44 13.33
CA PRO A 338 4.14 3.08 12.29
C PRO A 338 3.48 4.31 11.67
N CYS A 339 3.52 4.41 10.35
CA CYS A 339 2.85 5.49 9.64
C CYS A 339 2.07 4.87 8.51
N PHE A 340 1.22 5.66 7.87
CA PHE A 340 0.54 5.19 6.68
C PHE A 340 0.19 6.34 5.74
N TYR A 341 -0.06 6.01 4.48
CA TYR A 341 -0.53 7.01 3.53
C TYR A 341 -1.93 6.62 3.09
N VAL A 342 -2.68 7.59 2.59
CA VAL A 342 -3.94 7.31 1.94
C VAL A 342 -3.94 7.98 0.57
N GLU A 343 -4.23 7.17 -0.45
CA GLU A 343 -4.39 7.68 -1.80
C GLU A 343 -5.79 8.24 -1.92
N LEU A 344 -5.88 9.47 -2.41
CA LEU A 344 -7.16 10.15 -2.57
C LEU A 344 -7.42 10.26 -4.08
N ILE A 345 -8.15 9.28 -4.61
CA ILE A 345 -8.36 9.18 -6.04
C ILE A 345 -9.40 10.18 -6.52
N ARG A 346 -9.08 10.92 -7.58
CA ARG A 346 -10.05 11.81 -8.22
C ARG A 346 -10.13 11.48 -9.71
N GLY A 347 -11.29 11.76 -10.32
CA GLY A 347 -11.51 11.41 -11.71
C GLY A 347 -12.24 10.08 -11.88
N ARG A 348 -12.14 9.49 -13.06
CA ARG A 348 -12.84 8.24 -13.34
C ARG A 348 -12.39 7.08 -12.44
N PRO A 349 -13.33 6.22 -12.02
CA PRO A 349 -14.74 6.25 -12.39
C PRO A 349 -15.61 6.89 -11.32
N ASN A 350 -15.00 7.68 -10.44
CA ASN A 350 -15.73 8.28 -9.33
C ASN A 350 -16.97 9.07 -9.75
N LYS A 351 -18.09 8.75 -9.11
CA LYS A 351 -19.36 9.42 -9.40
C LYS A 351 -19.23 10.92 -9.20
N ASN A 352 -19.60 11.67 -10.24
CA ASN A 352 -19.62 13.13 -10.20
C ASN A 352 -18.27 13.83 -10.40
N ASP A 353 -17.19 13.05 -10.48
CA ASP A 353 -15.92 13.62 -10.92
C ASP A 353 -15.90 13.66 -12.44
N ASP A 354 -16.45 14.74 -12.97
CA ASP A 354 -16.68 14.88 -14.40
C ASP A 354 -15.43 15.32 -15.16
N VAL A 355 -14.47 14.41 -15.27
CA VAL A 355 -13.25 14.65 -16.02
C VAL A 355 -12.87 13.37 -16.77
N SER A 356 -11.95 13.49 -17.74
CA SER A 356 -11.57 12.33 -18.55
C SER A 356 -10.40 11.55 -17.95
N TRP A 357 -9.70 12.16 -16.99
CA TRP A 357 -8.52 11.54 -16.39
C TRP A 357 -8.79 10.86 -15.05
N THR A 358 -7.79 10.14 -14.58
CA THR A 358 -7.82 9.51 -13.27
C THR A 358 -6.48 9.80 -12.61
N SER A 359 -6.50 10.40 -11.43
CA SER A 359 -5.25 10.65 -10.70
C SER A 359 -5.54 10.66 -9.20
N ASN A 360 -4.63 11.19 -8.40
CA ASN A 360 -4.78 11.13 -6.97
C ASN A 360 -3.91 12.15 -6.27
N SER A 361 -4.26 12.44 -5.03
CA SER A 361 -3.35 13.15 -4.14
C SER A 361 -3.01 12.21 -2.99
N ILE A 362 -2.23 12.70 -2.06
CA ILE A 362 -1.75 11.89 -0.95
C ILE A 362 -1.94 12.59 0.38
N VAL A 363 -2.29 11.83 1.40
CA VAL A 363 -2.22 12.33 2.75
C VAL A 363 -1.58 11.25 3.62
N THR A 364 -0.87 11.65 4.66
CA THR A 364 -0.16 10.70 5.50
C THR A 364 -0.37 10.96 6.98
N PHE A 365 -0.26 9.90 7.78
CA PHE A 365 -0.40 9.98 9.23
C PHE A 365 0.66 9.13 9.90
N CYS A 366 1.13 9.55 11.07
CA CYS A 366 2.03 8.73 11.87
C CYS A 366 1.53 8.46 13.27
N GLY A 367 1.95 7.33 13.82
CA GLY A 367 1.52 6.93 15.14
C GLY A 367 2.37 7.49 16.26
N LEU A 368 1.71 8.01 17.29
CA LEU A 368 2.40 8.48 18.50
C LEU A 368 1.67 7.89 19.70
N ASP A 369 2.40 7.76 20.81
CA ASP A 369 1.81 7.28 22.05
C ASP A 369 1.12 8.42 22.81
N ASN A 370 0.44 9.28 22.07
CA ASN A 370 -0.30 10.41 22.62
C ASN A 370 -1.74 10.37 22.10
N GLU A 371 -2.64 11.04 22.80
CA GLU A 371 -4.02 11.14 22.36
C GLU A 371 -4.14 12.15 21.23
N PRO A 372 -4.81 11.76 20.13
CA PRO A 372 -5.00 12.68 19.00
C PRO A 372 -6.19 13.62 19.17
N GLY A 373 -6.22 14.63 18.32
CA GLY A 373 -7.39 15.48 18.18
C GLY A 373 -8.23 14.90 17.07
N SER A 374 -8.96 15.75 16.37
CA SER A 374 -9.77 15.29 15.26
C SER A 374 -9.79 16.31 14.13
N GLY A 375 -9.99 15.83 12.92
CA GLY A 375 -10.01 16.67 11.75
C GLY A 375 -10.44 15.89 10.54
N ASN A 376 -10.27 16.49 9.37
CA ASN A 376 -10.66 15.90 8.11
C ASN A 376 -9.68 16.43 7.08
N TRP A 377 -9.03 15.52 6.35
CA TRP A 377 -7.98 15.92 5.41
C TRP A 377 -8.17 15.21 4.07
N PRO A 378 -9.23 15.60 3.34
CA PRO A 378 -9.57 15.01 2.03
C PRO A 378 -8.81 15.66 0.89
N ASP A 379 -9.02 15.16 -0.33
CA ASP A 379 -8.33 15.72 -1.48
C ASP A 379 -8.51 17.24 -1.59
N GLY A 380 -9.75 17.69 -1.40
CA GLY A 380 -10.04 19.11 -1.35
C GLY A 380 -10.22 19.81 -2.68
N SER A 381 -10.09 19.08 -3.78
CA SER A 381 -10.28 19.66 -5.11
C SER A 381 -11.74 19.88 -5.45
N ASN A 382 -12.04 21.04 -6.02
CA ASN A 382 -13.33 21.29 -6.63
C ASN A 382 -13.23 20.78 -8.06
N ILE A 383 -13.77 19.59 -8.31
CA ILE A 383 -13.56 18.93 -9.59
C ILE A 383 -14.05 19.80 -10.75
N GLY A 384 -14.97 20.71 -10.44
CA GLY A 384 -15.50 21.62 -11.44
C GLY A 384 -14.50 22.66 -11.92
N PHE A 385 -13.48 22.94 -11.11
CA PHE A 385 -12.47 23.92 -11.48
C PHE A 385 -11.42 23.32 -12.41
N MET A 386 -11.39 21.99 -12.50
CA MET A 386 -10.30 21.30 -13.18
C MET A 386 -10.45 21.20 -14.69
N PRO A 387 -9.33 21.25 -15.41
CA PRO A 387 -9.27 20.89 -16.83
C PRO A 387 -9.66 19.43 -16.98
N LYS A 388 -10.61 19.14 -17.86
CA LYS A 388 -11.17 17.79 -17.93
C LYS A 388 -10.30 16.83 -18.74
C1 NAG B . -11.58 11.88 -23.92
C2 NAG B . -12.47 13.08 -24.21
C3 NAG B . -13.77 12.69 -24.91
C4 NAG B . -13.49 11.76 -26.10
C5 NAG B . -12.59 10.62 -25.65
C6 NAG B . -12.23 9.73 -26.83
C7 NAG B . -12.43 15.05 -22.82
C8 NAG B . -12.71 15.66 -21.48
N2 NAG B . -12.78 13.78 -22.99
O3 NAG B . -14.46 13.84 -25.36
O4 NAG B . -14.71 11.26 -26.60
O5 NAG B . -11.39 11.12 -25.09
O6 NAG B . -11.49 10.51 -27.75
O7 NAG B . -11.88 15.71 -23.71
C1 NAG B . -14.87 11.61 -27.99
C2 NAG B . -15.95 10.70 -28.60
C3 NAG B . -16.34 11.11 -30.01
C4 NAG B . -16.52 12.62 -30.13
C5 NAG B . -15.28 13.30 -29.56
C6 NAG B . -15.35 14.82 -29.74
C7 NAG B . -15.92 8.49 -27.63
C8 NAG B . -15.49 7.06 -27.78
N2 NAG B . -15.51 9.33 -28.59
O3 NAG B . -17.54 10.46 -30.38
O4 NAG B . -16.72 12.97 -31.48
O5 NAG B . -15.15 12.97 -28.19
O6 NAG B . -16.44 15.34 -28.99
O7 NAG B . -16.60 8.85 -26.68
C1 FUC B . -11.56 9.91 -29.04
C2 FUC B . -11.01 10.89 -30.06
C3 FUC B . -9.53 11.17 -29.79
C4 FUC B . -8.75 9.86 -29.59
C5 FUC B . -9.49 8.93 -28.62
C6 FUC B . -8.79 7.59 -28.46
O2 FUC B . -11.71 12.11 -29.91
O3 FUC B . -9.00 11.89 -30.88
O4 FUC B . -8.56 9.22 -30.83
O5 FUC B . -10.81 8.72 -29.08
C1 NAG C . 19.20 -13.85 9.13
C2 NAG C . 20.49 -14.39 8.52
C3 NAG C . 21.34 -15.14 9.55
C4 NAG C . 21.52 -14.33 10.83
C5 NAG C . 20.20 -13.74 11.28
C6 NAG C . 20.43 -12.77 12.44
C7 NAG C . 20.48 -14.87 6.14
C8 NAG C . 20.13 -15.84 5.05
N2 NAG C . 20.19 -15.25 7.38
O3 NAG C . 22.59 -15.45 8.99
O4 NAG C . 22.04 -15.14 11.85
O5 NAG C . 19.55 -13.05 10.23
O6 NAG C . 19.20 -12.20 12.84
O7 NAG C . 21.00 -13.79 5.88
C1 NAG C . 23.44 -14.86 12.06
C2 NAG C . 23.77 -15.11 13.53
C3 NAG C . 25.26 -14.97 13.83
C4 NAG C . 26.10 -15.70 12.80
C5 NAG C . 25.67 -15.34 11.39
C6 NAG C . 26.45 -16.14 10.36
C7 NAG C . 22.08 -14.60 15.16
C8 NAG C . 21.49 -13.57 16.09
N2 NAG C . 23.03 -14.17 14.34
O3 NAG C . 25.54 -15.51 15.11
O4 NAG C . 27.45 -15.32 13.02
O5 NAG C . 24.29 -15.62 11.23
O6 NAG C . 26.12 -17.51 10.45
O7 NAG C . 21.69 -15.76 15.16
C1 FUC C . 18.59 -13.05 13.82
C2 FUC C . 17.45 -12.29 14.53
C3 FUC C . 16.32 -12.00 13.55
C4 FUC C . 15.86 -13.32 12.94
C5 FUC C . 17.04 -14.05 12.31
C6 FUC C . 16.63 -15.42 11.78
O2 FUC C . 17.96 -11.07 15.04
O3 FUC C . 15.26 -11.38 14.23
O4 FUC C . 15.29 -14.12 13.95
O5 FUC C . 18.08 -14.24 13.26
CA CA D . -11.61 -8.69 -0.46
CA CA E . 4.72 26.38 -16.45
C1 ZMR F . -7.58 -1.14 -8.58
O1A ZMR F . -8.29 -2.00 -7.75
O1B ZMR F . -7.53 0.16 -8.19
C2 ZMR F . -6.22 -1.69 -8.80
C3 ZMR F . -5.19 -0.82 -9.51
C4 ZMR F . -3.96 -1.51 -10.08
C5 ZMR F . -4.05 -3.05 -10.31
N5 ZMR F . -2.84 -3.76 -10.52
C10 ZMR F . -2.25 -3.93 -11.82
O10 ZMR F . -2.79 -3.50 -12.85
C11 ZMR F . -0.95 -4.65 -11.88
C6 ZMR F . -5.14 -3.82 -9.56
O6 ZMR F . -6.14 -3.10 -8.89
C7 ZMR F . -5.58 -5.18 -10.05
O7 ZMR F . -6.28 -5.03 -11.22
C8 ZMR F . -6.26 -5.95 -8.93
O8 ZMR F . -5.56 -5.90 -7.73
C9 ZMR F . -6.56 -7.39 -9.32
O9 ZMR F . -5.44 -8.17 -9.52
NE ZMR F . -3.24 -0.73 -11.02
CZ ZMR F . -1.79 -0.78 -11.13
NH1 ZMR F . -1.06 -1.37 -10.20
NH2 ZMR F . -1.24 -0.23 -12.21
#